data_1F4Y
#
_entry.id   1F4Y
#
_cell.length_a   40.690
_cell.length_b   113.360
_cell.length_c   45.580
_cell.angle_alpha   90.00
_cell.angle_beta   93.93
_cell.angle_gamma   90.00
#
_symmetry.space_group_name_H-M   'P 1 21 1'
#
loop_
_entity.id
_entity.type
_entity.pdbx_description
1 polymer 'ANTIBODY S-20-4, FAB FRAGMENT, LIGHT CHAIN'
2 polymer 'ANTIBODY S-20-4, FAB FRAGMENT, HEAVY CHAIN'
3 branched '4,6-dideoxy-4-{[(2R)-2,4-dihydroxybutanoyl]amino}-2-O-methyl-alpha-D-mannopyranose-(1-2)-methyl 4,6-dideoxy-4-{[(2R)-2,4-dihydroxybutanoyl]amino}-alpha-D-mannopyranoside'
#
loop_
_entity_poly.entity_id
_entity_poly.type
_entity_poly.pdbx_seq_one_letter_code
_entity_poly.pdbx_strand_id
1 'polypeptide(L)'
;QAVVTQESALTTSPGETVTLTCRSSTGTVTTSNYANWVQEKPDHLFTGLIGATNNRAAGVPVRFSGSLIGGKAALTITGA
QTEDEAIYFCALWYSGHWVFGGGTKLTVLGQPKSSPSVTLFPPSSEELETNKATLVCTITDFYPGVVTVDWKVDGTPVTQ
GMETTQPSKQSNNKYMASSYLTLTARAWERHSSYSCQVTHEGHTVEKSLS
;
L
2 'polypeptide(L)'
;EVQLEESGGGLVTPGGSLRLSCAASGYVFSTYDMSWVRQTPEKRLEWVAFISSGGGRTSYPDTVKGRFTISRDDAKNTLY
LQMSSLQSEDTAMYYCTRHFYAVLDYWGRGTTLTVSSAKTTPPSVYPLAPGSAAQTNSMVTLGCLVKGYFPEPVTVTWNS
GSLSSGVHTFPAVLQSDLYTLSSSVTVPSSTWPSETVTCNVAHPASSTKVDKKIVP
;
H
#
# COMPACT_ATOMS: atom_id res chain seq x y z
N GLN A 1 24.18 -1.84 13.24
CA GLN A 1 24.13 -1.76 11.75
C GLN A 1 22.75 -1.40 11.25
N ALA A 2 22.60 -1.16 9.96
CA ALA A 2 21.39 -0.93 9.26
C ALA A 2 20.51 0.26 9.22
N VAL A 3 20.62 1.52 9.52
CA VAL A 3 19.40 2.33 9.22
C VAL A 3 19.69 3.15 7.99
N VAL A 4 18.74 3.24 7.11
CA VAL A 4 18.77 3.95 5.86
C VAL A 4 17.45 4.77 5.85
N THR A 5 17.58 6.10 5.90
CA THR A 5 16.45 6.98 5.90
C THR A 5 16.51 7.71 4.54
N GLN A 6 15.40 8.17 4.09
CA GLN A 6 15.12 8.86 2.90
C GLN A 6 14.00 9.86 3.14
N GLU A 7 13.91 10.98 2.43
CA GLU A 7 12.88 11.97 2.55
C GLU A 7 11.62 11.08 2.44
N SER A 8 10.58 11.58 2.99
CA SER A 8 9.33 10.87 2.99
C SER A 8 8.53 11.48 1.87
N ALA A 9 8.65 12.75 1.56
CA ALA A 9 7.77 13.17 0.45
C ALA A 9 8.40 14.40 -0.11
N LEU A 10 8.44 14.60 -1.39
CA LEU A 10 8.98 15.73 -2.07
C LEU A 10 7.95 16.03 -3.18
N THR A 11 7.79 17.24 -3.62
CA THR A 11 6.78 17.52 -4.65
C THR A 11 7.43 18.46 -5.67
N THR A 12 7.39 18.24 -6.97
CA THR A 12 8.08 19.17 -7.84
C THR A 12 7.23 19.49 -9.07
N SER A 13 7.56 20.48 -9.91
CA SER A 13 6.70 20.57 -11.10
C SER A 13 7.43 19.95 -12.29
N PRO A 14 6.64 19.69 -13.30
CA PRO A 14 7.22 19.14 -14.54
C PRO A 14 8.23 20.19 -14.97
N GLY A 15 9.31 19.88 -15.64
CA GLY A 15 10.37 20.75 -16.05
C GLY A 15 11.47 20.93 -15.02
N GLU A 16 11.22 20.92 -13.72
CA GLU A 16 12.17 21.17 -12.66
C GLU A 16 13.11 20.02 -12.34
N THR A 17 14.01 20.24 -11.40
CA THR A 17 14.99 19.17 -11.09
C THR A 17 14.76 18.85 -9.62
N VAL A 18 14.85 17.60 -9.23
CA VAL A 18 14.73 17.21 -7.88
C VAL A 18 15.88 16.23 -7.59
N THR A 19 16.35 16.33 -6.38
CA THR A 19 17.40 15.47 -5.86
C THR A 19 16.71 14.79 -4.71
N LEU A 20 17.00 13.65 -4.24
CA LEU A 20 16.46 12.80 -3.24
C LEU A 20 17.67 12.17 -2.60
N THR A 21 17.92 12.20 -1.34
CA THR A 21 19.13 11.55 -0.87
C THR A 21 18.80 10.26 -0.14
N CYS A 22 19.80 9.57 0.40
CA CYS A 22 19.75 8.32 1.11
C CYS A 22 20.90 8.41 2.10
N ARG A 23 20.60 8.49 3.36
CA ARG A 23 21.40 8.66 4.55
C ARG A 23 21.65 7.33 5.22
N SER A 24 22.75 7.09 5.85
CA SER A 24 22.91 5.83 6.53
C SER A 24 23.19 6.11 8.04
N SER A 25 22.75 5.16 8.89
CA SER A 25 22.98 5.31 10.33
C SER A 25 24.39 4.86 10.64
N THR A 26 25.03 4.32 9.61
CA THR A 26 26.34 3.69 9.70
C THR A 26 27.39 4.74 9.73
N GLY A 27 27.01 5.84 9.07
CA GLY A 27 27.96 6.95 9.01
C GLY A 27 28.07 7.67 7.66
N THR A 28 28.84 7.07 6.73
CA THR A 28 29.05 7.74 5.42
C THR A 28 28.58 6.84 4.30
N VAL A 29 28.26 7.21 3.10
CA VAL A 29 27.88 6.19 2.10
C VAL A 29 29.02 6.02 1.10
N THR A 30 29.71 4.89 0.99
CA THR A 30 30.80 4.67 0.07
C THR A 30 30.32 4.22 -1.30
N THR A 31 31.24 3.79 -2.18
CA THR A 31 30.94 3.22 -3.45
C THR A 31 30.77 1.69 -3.24
N SER A 32 31.21 1.22 -2.07
CA SER A 32 31.12 -0.18 -1.68
C SER A 32 29.80 -0.56 -1.02
N ASN A 33 28.77 0.25 -1.30
CA ASN A 33 27.40 0.09 -0.90
C ASN A 33 26.50 0.11 -2.14
N TYR A 34 27.08 0.16 -3.31
CA TYR A 34 26.34 0.16 -4.58
C TYR A 34 25.01 0.86 -4.56
N ALA A 35 24.88 2.06 -3.99
CA ALA A 35 23.60 2.76 -3.94
C ALA A 35 22.69 2.35 -5.08
N ASN A 36 21.55 1.72 -4.90
CA ASN A 36 20.64 1.37 -5.97
C ASN A 36 19.32 2.12 -5.84
N TRP A 37 18.67 2.56 -6.87
CA TRP A 37 17.40 3.26 -6.83
C TRP A 37 16.20 2.59 -7.48
N VAL A 38 15.36 1.83 -6.79
CA VAL A 38 14.18 1.24 -7.39
C VAL A 38 12.98 2.16 -7.53
N GLN A 39 12.22 2.11 -8.61
CA GLN A 39 11.06 2.89 -8.86
C GLN A 39 9.82 2.02 -8.64
N GLU A 40 8.83 2.48 -7.89
CA GLU A 40 7.62 1.74 -7.64
C GLU A 40 6.50 2.56 -8.23
N LYS A 41 6.11 2.14 -9.40
CA LYS A 41 5.05 2.69 -10.21
C LYS A 41 3.72 1.97 -9.99
N PRO A 42 2.67 2.78 -10.13
CA PRO A 42 1.28 2.49 -9.95
C PRO A 42 0.91 1.05 -10.07
N ASP A 43 0.84 0.40 -8.92
CA ASP A 43 0.43 -1.02 -8.89
C ASP A 43 1.55 -2.02 -8.70
N HIS A 44 2.28 -1.99 -7.58
CA HIS A 44 3.35 -2.98 -7.36
C HIS A 44 4.31 -3.36 -8.49
N LEU A 45 4.53 -2.55 -9.50
CA LEU A 45 5.54 -2.81 -10.51
C LEU A 45 6.85 -2.06 -10.20
N PHE A 46 7.91 -2.79 -10.01
CA PHE A 46 9.22 -2.34 -9.71
C PHE A 46 10.21 -2.34 -10.88
N THR A 47 11.13 -1.40 -10.90
CA THR A 47 12.15 -1.19 -11.89
C THR A 47 13.49 -0.63 -11.40
N GLY A 48 14.60 -1.30 -11.75
CA GLY A 48 15.94 -0.82 -11.50
C GLY A 48 16.09 0.52 -12.25
N LEU A 49 16.45 1.59 -11.53
CA LEU A 49 16.64 2.88 -12.18
C LEU A 49 18.17 3.01 -12.26
N ILE A 50 18.77 3.09 -11.10
CA ILE A 50 20.22 3.24 -11.04
C ILE A 50 20.78 2.18 -10.06
N GLY A 51 21.95 1.62 -10.41
CA GLY A 51 22.56 0.62 -9.58
C GLY A 51 23.98 1.00 -9.30
N ALA A 52 24.72 0.39 -8.42
CA ALA A 52 26.10 0.76 -8.09
C ALA A 52 26.26 2.26 -8.11
N THR A 53 25.66 2.98 -7.17
CA THR A 53 25.65 4.46 -7.07
C THR A 53 25.35 5.18 -8.34
N ASN A 54 26.10 5.12 -9.44
CA ASN A 54 25.86 5.85 -10.69
C ASN A 54 25.53 5.06 -11.96
N ASN A 55 25.50 3.72 -12.04
CA ASN A 55 25.10 3.19 -13.32
C ASN A 55 23.57 3.15 -13.52
N ARG A 56 23.14 3.93 -14.51
CA ARG A 56 21.77 3.99 -14.99
C ARG A 56 21.55 2.69 -15.76
N ALA A 57 20.45 1.99 -15.55
CA ALA A 57 20.01 0.79 -16.19
C ALA A 57 19.59 1.08 -17.63
N ALA A 58 19.64 -0.01 -18.42
CA ALA A 58 19.19 0.12 -19.81
C ALA A 58 17.69 0.37 -19.79
N GLY A 59 17.34 1.26 -20.67
CA GLY A 59 16.02 1.79 -20.87
C GLY A 59 15.86 2.99 -19.92
N VAL A 60 16.47 2.99 -18.74
CA VAL A 60 16.15 4.16 -17.92
C VAL A 60 16.61 5.40 -18.71
N PRO A 61 15.78 6.41 -18.79
CA PRO A 61 16.11 7.68 -19.39
C PRO A 61 17.29 8.48 -18.83
N VAL A 62 17.64 9.53 -19.54
CA VAL A 62 18.72 10.47 -19.31
C VAL A 62 18.72 11.17 -17.96
N ARG A 63 17.56 11.68 -17.57
CA ARG A 63 17.40 12.36 -16.30
C ARG A 63 17.71 11.49 -15.10
N PHE A 64 17.41 10.23 -14.96
CA PHE A 64 17.87 9.53 -13.77
C PHE A 64 19.36 9.65 -13.61
N SER A 65 19.91 9.97 -12.45
CA SER A 65 21.33 10.06 -12.22
C SER A 65 21.78 9.60 -10.85
N GLY A 66 22.93 9.07 -10.62
CA GLY A 66 23.33 8.67 -9.27
C GLY A 66 24.49 9.55 -8.82
N SER A 67 24.67 9.85 -7.55
CA SER A 67 25.74 10.67 -7.08
C SER A 67 25.96 10.32 -5.62
N LEU A 68 27.07 10.74 -5.06
CA LEU A 68 27.31 10.57 -3.62
C LEU A 68 27.25 12.03 -3.16
N ILE A 69 26.48 12.32 -2.11
CA ILE A 69 26.34 13.68 -1.63
C ILE A 69 26.49 13.76 -0.11
N GLY A 70 27.69 14.22 0.22
CA GLY A 70 28.11 14.50 1.61
C GLY A 70 27.97 13.23 2.41
N GLY A 71 28.62 12.18 1.93
CA GLY A 71 28.53 10.84 2.49
C GLY A 71 27.12 10.30 2.28
N LYS A 72 26.35 10.77 1.32
CA LYS A 72 24.96 10.33 1.20
C LYS A 72 24.56 10.05 -0.23
N ALA A 73 23.91 8.92 -0.48
CA ALA A 73 23.49 8.58 -1.87
C ALA A 73 22.46 9.58 -2.33
N ALA A 74 22.31 9.87 -3.60
CA ALA A 74 21.34 10.84 -4.09
C ALA A 74 20.83 10.48 -5.49
N LEU A 75 19.54 10.67 -5.72
CA LEU A 75 19.05 10.40 -7.05
C LEU A 75 18.71 11.73 -7.70
N THR A 76 19.23 12.08 -8.87
CA THR A 76 18.76 13.39 -9.42
C THR A 76 17.84 12.99 -10.57
N ILE A 77 16.91 13.83 -10.92
CA ILE A 77 15.89 13.66 -11.93
C ILE A 77 15.91 15.13 -12.39
N THR A 78 16.32 15.34 -13.62
CA THR A 78 16.45 16.72 -14.10
C THR A 78 15.35 17.04 -15.06
N GLY A 79 14.39 17.90 -14.93
CA GLY A 79 13.40 18.07 -16.02
C GLY A 79 12.42 16.89 -15.90
N ALA A 80 12.09 16.64 -14.62
CA ALA A 80 11.20 15.51 -14.31
C ALA A 80 9.94 15.65 -15.15
N GLN A 81 9.37 14.46 -15.37
CA GLN A 81 8.11 14.40 -16.15
C GLN A 81 6.96 13.80 -15.33
N THR A 82 5.75 14.06 -15.76
CA THR A 82 4.52 13.61 -15.18
C THR A 82 4.52 12.16 -14.79
N GLU A 83 5.05 11.34 -15.67
CA GLU A 83 5.24 9.92 -15.49
C GLU A 83 6.13 9.63 -14.30
N ASP A 84 6.99 10.52 -13.79
CA ASP A 84 7.83 10.25 -12.66
C ASP A 84 7.04 10.30 -11.35
N GLU A 85 5.77 10.72 -11.26
CA GLU A 85 5.08 10.69 -9.98
C GLU A 85 5.06 9.25 -9.49
N ALA A 86 5.65 8.91 -8.37
CA ALA A 86 5.76 7.53 -7.89
C ALA A 86 6.58 7.40 -6.60
N ILE A 87 6.89 6.19 -6.10
CA ILE A 87 7.64 5.95 -4.91
C ILE A 87 9.08 5.53 -5.30
N TYR A 88 10.15 6.14 -4.81
CA TYR A 88 11.52 5.84 -5.06
C TYR A 88 12.17 5.28 -3.82
N PHE A 89 12.71 4.06 -3.87
CA PHE A 89 13.37 3.45 -2.77
C PHE A 89 14.86 3.32 -3.05
N CYS A 90 15.61 3.23 -1.95
CA CYS A 90 17.05 3.06 -2.16
C CYS A 90 17.41 1.81 -1.36
N ALA A 91 18.38 1.08 -1.94
CA ALA A 91 18.91 -0.10 -1.26
C ALA A 91 20.42 0.10 -1.06
N LEU A 92 21.09 -0.33 -0.01
CA LEU A 92 22.49 -0.15 0.11
C LEU A 92 23.07 -1.47 0.61
N TRP A 93 24.03 -1.91 -0.23
CA TRP A 93 24.76 -3.15 -0.10
C TRP A 93 25.64 -3.24 1.12
N TYR A 94 25.18 -3.90 2.17
CA TYR A 94 26.01 -4.06 3.36
C TYR A 94 26.64 -5.42 3.43
N SER A 95 27.65 -5.60 2.61
CA SER A 95 28.45 -6.79 2.46
C SER A 95 27.81 -8.11 2.86
N GLY A 96 26.94 -8.57 1.97
CA GLY A 96 26.24 -9.85 2.16
C GLY A 96 24.77 -9.44 1.98
N HIS A 97 24.32 -8.68 2.94
CA HIS A 97 22.96 -8.19 2.94
C HIS A 97 22.58 -7.01 2.07
N TRP A 98 21.31 -6.65 1.97
CA TRP A 98 20.86 -5.46 1.29
C TRP A 98 20.07 -4.68 2.38
N VAL A 99 20.27 -3.39 2.58
CA VAL A 99 19.48 -2.65 3.58
C VAL A 99 18.59 -1.68 2.79
N PHE A 100 17.28 -1.58 2.85
CA PHE A 100 16.38 -0.74 2.10
C PHE A 100 15.84 0.44 2.92
N GLY A 101 15.68 1.61 2.33
CA GLY A 101 15.24 2.75 3.13
C GLY A 101 13.73 2.75 2.99
N GLY A 102 12.89 3.58 3.56
CA GLY A 102 11.50 3.56 3.41
C GLY A 102 10.88 4.16 2.20
N GLY A 103 11.62 4.51 1.16
CA GLY A 103 11.20 5.11 -0.08
C GLY A 103 10.27 6.29 0.11
N THR A 104 10.47 7.32 -0.66
CA THR A 104 9.89 8.60 -0.84
C THR A 104 8.79 8.72 -1.89
N LYS A 105 7.66 9.39 -1.57
CA LYS A 105 6.63 9.64 -2.53
C LYS A 105 7.12 10.87 -3.33
N LEU A 106 6.98 10.75 -4.66
CA LEU A 106 7.36 11.82 -5.53
C LEU A 106 6.17 12.29 -6.33
N THR A 107 5.75 13.50 -6.07
CA THR A 107 4.61 14.09 -6.82
C THR A 107 5.31 14.97 -7.83
N VAL A 108 4.85 15.10 -9.03
CA VAL A 108 5.38 15.95 -10.09
C VAL A 108 4.04 16.60 -10.45
N LEU A 109 3.87 17.90 -10.50
CA LEU A 109 2.52 18.38 -10.72
C LEU A 109 2.00 18.32 -12.13
N GLY A 110 1.25 17.25 -12.36
CA GLY A 110 0.65 16.91 -13.64
C GLY A 110 -0.73 17.48 -13.88
N GLN A 111 -1.40 18.01 -12.86
CA GLN A 111 -2.74 18.60 -13.09
C GLN A 111 -2.94 19.54 -11.90
N PRO A 112 -3.80 20.53 -11.96
CA PRO A 112 -4.10 21.43 -10.89
C PRO A 112 -4.51 20.74 -9.60
N LYS A 113 -3.87 21.18 -8.54
CA LYS A 113 -4.11 20.68 -7.22
C LYS A 113 -5.61 20.83 -6.94
N SER A 114 -5.97 20.01 -5.94
CA SER A 114 -7.30 19.95 -5.43
C SER A 114 -7.29 19.30 -4.04
N SER A 115 -8.25 19.72 -3.26
CA SER A 115 -8.48 19.30 -1.91
C SER A 115 -9.52 18.20 -1.74
N PRO A 116 -9.45 17.59 -0.55
CA PRO A 116 -10.35 16.57 -0.13
C PRO A 116 -11.76 17.06 0.04
N SER A 117 -12.64 16.10 0.13
CA SER A 117 -14.06 16.24 0.42
C SER A 117 -14.31 15.17 1.48
N VAL A 118 -14.22 15.53 2.73
CA VAL A 118 -14.44 14.63 3.85
C VAL A 118 -15.96 14.44 3.83
N THR A 119 -16.46 13.33 4.31
CA THR A 119 -17.88 12.92 4.37
C THR A 119 -17.84 12.12 5.65
N LEU A 120 -18.45 12.51 6.77
CA LEU A 120 -18.22 11.70 8.00
C LEU A 120 -19.41 10.83 8.35
N PHE A 121 -19.24 9.58 8.74
CA PHE A 121 -20.40 8.75 9.05
C PHE A 121 -20.52 8.11 10.43
N PRO A 122 -21.72 8.11 10.97
CA PRO A 122 -22.08 7.57 12.29
C PRO A 122 -22.56 6.14 12.29
N PRO A 123 -22.16 5.36 13.26
CA PRO A 123 -22.47 3.97 13.36
C PRO A 123 -23.96 3.73 13.24
N SER A 124 -24.42 2.95 12.32
CA SER A 124 -25.77 2.56 12.07
C SER A 124 -26.48 1.87 13.24
N SER A 125 -27.81 1.98 13.15
CA SER A 125 -28.67 1.35 14.12
C SER A 125 -28.24 -0.11 14.22
N GLU A 126 -28.12 -0.79 13.07
CA GLU A 126 -27.69 -2.17 13.01
C GLU A 126 -26.34 -2.43 13.67
N GLU A 127 -25.24 -1.77 13.32
CA GLU A 127 -24.01 -2.17 14.02
C GLU A 127 -24.00 -1.99 15.50
N LEU A 128 -24.76 -1.01 16.01
CA LEU A 128 -24.91 -0.70 17.44
C LEU A 128 -25.48 -1.85 18.23
N GLU A 129 -26.46 -2.54 17.62
CA GLU A 129 -27.02 -3.75 18.19
C GLU A 129 -25.87 -4.66 18.50
N THR A 130 -24.69 -4.76 17.99
CA THR A 130 -23.61 -5.65 18.36
C THR A 130 -22.65 -5.09 19.38
N ASN A 131 -23.12 -3.97 19.94
CA ASN A 131 -22.41 -3.29 20.99
C ASN A 131 -21.00 -2.97 20.55
N LYS A 132 -20.92 -2.25 19.45
CA LYS A 132 -19.71 -1.79 18.81
C LYS A 132 -20.13 -0.72 17.78
N ALA A 133 -19.31 0.35 17.75
CA ALA A 133 -19.69 1.41 16.84
C ALA A 133 -18.46 1.83 16.04
N THR A 134 -18.73 2.24 14.82
CA THR A 134 -17.60 2.60 13.99
C THR A 134 -18.04 3.81 13.20
N LEU A 135 -17.10 4.75 13.14
CA LEU A 135 -17.36 5.92 12.34
C LEU A 135 -16.26 5.85 11.27
N VAL A 136 -16.81 6.17 10.11
CA VAL A 136 -16.02 6.17 8.91
C VAL A 136 -15.79 7.57 8.38
N CYS A 137 -14.52 7.99 8.34
CA CYS A 137 -14.23 9.30 7.71
C CYS A 137 -13.65 8.96 6.31
N THR A 138 -14.39 9.28 5.29
CA THR A 138 -14.07 9.08 3.91
C THR A 138 -13.56 10.35 3.24
N ILE A 139 -12.26 10.25 2.92
CA ILE A 139 -11.49 11.29 2.24
C ILE A 139 -11.14 10.97 0.77
N THR A 140 -11.75 11.69 -0.14
CA THR A 140 -11.53 11.53 -1.56
C THR A 140 -11.15 12.86 -2.24
N ASP A 141 -10.78 12.73 -3.51
CA ASP A 141 -10.46 13.78 -4.44
C ASP A 141 -9.24 14.67 -4.20
N PHE A 142 -8.11 14.11 -3.77
CA PHE A 142 -6.98 14.96 -3.58
C PHE A 142 -5.68 14.52 -4.27
N TYR A 143 -5.09 15.64 -4.70
CA TYR A 143 -3.87 15.84 -5.40
C TYR A 143 -3.26 17.14 -4.92
N PRO A 144 -2.09 17.13 -4.38
CA PRO A 144 -1.31 15.94 -4.19
C PRO A 144 -1.98 14.98 -3.23
N GLY A 145 -1.57 13.73 -3.26
CA GLY A 145 -1.98 12.59 -2.56
C GLY A 145 -1.43 12.44 -1.17
N VAL A 146 -1.31 13.55 -0.44
CA VAL A 146 -0.85 13.36 0.96
C VAL A 146 -1.86 14.04 1.85
N VAL A 147 -2.12 13.39 2.99
CA VAL A 147 -3.11 13.78 3.96
C VAL A 147 -2.56 13.42 5.33
N THR A 148 -3.22 13.99 6.26
CA THR A 148 -3.07 14.02 7.72
C THR A 148 -4.50 14.18 8.21
N VAL A 149 -4.76 13.18 9.05
CA VAL A 149 -6.06 12.91 9.60
C VAL A 149 -5.99 12.89 11.10
N ASP A 150 -6.85 13.70 11.73
CA ASP A 150 -6.85 13.75 13.21
C ASP A 150 -8.29 13.62 13.65
N TRP A 151 -8.51 12.84 14.69
CA TRP A 151 -9.86 12.61 15.20
C TRP A 151 -10.05 13.27 16.58
N LYS A 152 -11.27 13.83 16.82
CA LYS A 152 -11.41 14.26 18.23
C LYS A 152 -12.84 13.87 18.63
N VAL A 153 -12.81 13.40 19.87
CA VAL A 153 -14.00 13.06 20.60
C VAL A 153 -14.16 14.19 21.65
N ASP A 154 -15.20 14.98 21.64
CA ASP A 154 -15.41 16.03 22.63
C ASP A 154 -14.14 16.85 22.86
N GLY A 155 -13.67 17.43 21.74
CA GLY A 155 -12.52 18.24 21.69
C GLY A 155 -11.21 17.68 22.14
N THR A 156 -11.08 16.58 22.80
CA THR A 156 -9.77 16.03 23.14
C THR A 156 -9.25 15.23 21.93
N PRO A 157 -7.99 15.35 21.55
CA PRO A 157 -7.35 14.60 20.48
C PRO A 157 -7.37 13.10 20.67
N VAL A 158 -7.92 12.32 19.76
CA VAL A 158 -8.01 10.83 19.92
C VAL A 158 -6.66 10.14 19.89
N THR A 159 -6.17 9.34 20.79
CA THR A 159 -4.75 8.86 20.66
C THR A 159 -4.63 7.37 20.44
N GLN A 160 -5.73 6.81 19.94
CA GLN A 160 -5.92 5.41 19.72
C GLN A 160 -7.34 5.08 19.28
N GLY A 161 -7.40 3.90 18.65
CA GLY A 161 -8.62 3.30 18.14
C GLY A 161 -8.99 3.93 16.81
N MET A 162 -7.97 4.56 16.25
CA MET A 162 -8.16 5.24 14.98
C MET A 162 -7.08 4.66 14.06
N GLU A 163 -7.47 4.43 12.83
CA GLU A 163 -6.48 3.94 11.86
C GLU A 163 -7.00 4.28 10.48
N THR A 164 -6.06 4.85 9.74
CA THR A 164 -6.26 5.37 8.39
C THR A 164 -5.58 4.58 7.28
N THR A 165 -6.24 4.59 6.12
CA THR A 165 -5.68 3.92 4.96
C THR A 165 -4.74 4.82 4.17
N GLN A 166 -3.67 4.23 3.65
CA GLN A 166 -2.77 5.01 2.80
C GLN A 166 -3.51 5.39 1.53
N PRO A 167 -3.21 6.59 1.08
CA PRO A 167 -3.87 7.13 -0.08
C PRO A 167 -3.75 6.12 -1.20
N SER A 168 -4.77 6.24 -2.03
CA SER A 168 -4.93 5.33 -3.14
C SER A 168 -5.40 6.16 -4.30
N LYS A 169 -4.72 5.92 -5.39
CA LYS A 169 -4.86 6.54 -6.68
C LYS A 169 -6.18 6.28 -7.38
N GLN A 170 -7.06 7.29 -7.33
CA GLN A 170 -8.32 7.23 -8.02
C GLN A 170 -8.08 6.95 -9.50
N SER A 171 -9.26 6.89 -10.13
CA SER A 171 -9.31 6.60 -11.56
C SER A 171 -8.72 7.83 -12.24
N ASN A 172 -9.08 9.00 -11.72
CA ASN A 172 -8.69 10.25 -12.31
C ASN A 172 -7.37 10.84 -11.88
N ASN A 173 -6.48 10.03 -11.41
CA ASN A 173 -5.15 10.41 -10.94
C ASN A 173 -5.32 11.50 -9.90
N LYS A 174 -6.19 11.14 -8.95
CA LYS A 174 -6.64 11.89 -7.78
C LYS A 174 -6.61 10.89 -6.65
N TYR A 175 -6.44 11.24 -5.39
CA TYR A 175 -6.29 10.14 -4.41
C TYR A 175 -7.46 10.00 -3.45
N MET A 176 -7.46 8.88 -2.72
CA MET A 176 -8.58 8.61 -1.81
C MET A 176 -8.10 7.93 -0.55
N ALA A 177 -8.77 8.19 0.57
CA ALA A 177 -8.40 7.62 1.83
C ALA A 177 -9.63 7.60 2.74
N SER A 178 -9.51 6.64 3.62
CA SER A 178 -10.47 6.30 4.62
C SER A 178 -9.81 6.23 5.98
N SER A 179 -10.64 6.70 6.91
CA SER A 179 -10.18 6.59 8.31
C SER A 179 -11.29 5.97 9.14
N TYR A 180 -10.94 5.16 10.08
CA TYR A 180 -11.82 4.51 11.01
C TYR A 180 -11.39 4.74 12.45
N LEU A 181 -12.32 5.25 13.24
CA LEU A 181 -12.28 5.44 14.67
C LEU A 181 -13.33 4.43 15.21
N THR A 182 -12.84 3.43 15.95
CA THR A 182 -13.81 2.42 16.45
C THR A 182 -13.96 2.48 17.98
N LEU A 183 -15.21 2.48 18.38
CA LEU A 183 -15.68 2.49 19.74
C LEU A 183 -16.60 1.32 20.14
N THR A 184 -16.58 1.06 21.46
CA THR A 184 -17.50 0.03 21.99
C THR A 184 -18.82 0.77 21.89
N ALA A 185 -19.95 0.20 21.65
CA ALA A 185 -21.14 1.11 21.63
C ALA A 185 -21.40 1.97 22.87
N ARG A 186 -20.92 1.64 24.04
CA ARG A 186 -21.04 2.28 25.30
C ARG A 186 -20.53 3.67 25.00
N ALA A 187 -19.20 3.79 24.99
CA ALA A 187 -18.58 5.07 24.56
C ALA A 187 -19.46 5.73 23.52
N TRP A 188 -19.72 5.23 22.34
CA TRP A 188 -20.67 5.93 21.47
C TRP A 188 -21.74 6.66 22.29
N GLU A 189 -22.64 5.93 22.95
CA GLU A 189 -23.69 6.54 23.77
C GLU A 189 -23.19 7.77 24.59
N ARG A 190 -22.05 7.73 25.26
CA ARG A 190 -21.37 8.67 26.09
C ARG A 190 -20.83 10.03 25.66
N HIS A 191 -19.90 10.22 24.72
CA HIS A 191 -19.42 11.51 24.28
C HIS A 191 -20.46 12.19 23.45
N SER A 192 -20.21 13.32 22.78
CA SER A 192 -21.38 13.88 22.05
C SER A 192 -21.00 14.57 20.79
N SER A 193 -19.68 14.66 20.64
CA SER A 193 -19.01 15.32 19.52
C SER A 193 -17.84 14.56 18.98
N TYR A 194 -17.93 14.29 17.68
CA TYR A 194 -16.90 13.49 17.00
C TYR A 194 -16.39 14.29 15.82
N SER A 195 -15.09 14.51 15.79
CA SER A 195 -14.58 15.27 14.67
C SER A 195 -13.51 14.45 13.93
N CYS A 196 -13.70 14.63 12.62
CA CYS A 196 -12.82 14.08 11.66
C CYS A 196 -12.09 15.27 11.00
N GLN A 197 -10.78 15.41 11.28
CA GLN A 197 -10.19 16.54 10.53
C GLN A 197 -8.99 16.13 9.66
N VAL A 198 -9.07 16.59 8.41
CA VAL A 198 -8.12 16.34 7.39
C VAL A 198 -7.44 17.62 6.91
N THR A 199 -6.15 17.55 7.12
CA THR A 199 -5.13 18.51 6.76
C THR A 199 -4.41 18.07 5.48
N HIS A 200 -4.67 18.77 4.39
CA HIS A 200 -4.10 18.56 3.08
C HIS A 200 -3.68 19.88 2.44
N GLU A 201 -2.44 20.26 2.53
CA GLU A 201 -1.87 21.47 1.89
C GLU A 201 -1.74 22.76 2.69
N GLY A 202 -1.70 22.62 4.01
CA GLY A 202 -1.71 23.72 4.92
C GLY A 202 -3.21 23.87 5.24
N HIS A 203 -4.13 23.61 4.28
CA HIS A 203 -5.54 23.75 4.60
C HIS A 203 -6.09 22.46 5.23
N THR A 204 -6.81 22.69 6.32
CA THR A 204 -7.42 21.65 7.11
C THR A 204 -8.91 21.63 6.87
N VAL A 205 -9.55 20.56 6.42
CA VAL A 205 -11.01 20.67 6.33
C VAL A 205 -11.59 19.91 7.53
N GLU A 206 -12.77 20.21 8.02
CA GLU A 206 -13.22 19.46 9.21
C GLU A 206 -14.69 19.05 9.24
N LYS A 207 -15.01 17.77 9.49
CA LYS A 207 -16.40 17.35 9.54
C LYS A 207 -16.76 16.85 10.94
N SER A 208 -17.93 17.25 11.46
CA SER A 208 -18.28 16.79 12.82
C SER A 208 -19.69 16.27 12.99
N LEU A 209 -19.96 15.54 14.10
CA LEU A 209 -21.34 15.12 14.27
C LEU A 209 -21.76 15.02 15.73
N SER A 210 -23.06 15.01 16.06
CA SER A 210 -23.43 14.88 17.47
C SER A 210 -24.02 13.54 17.89
N GLU B 1 13.30 -8.22 -23.99
CA GLU B 1 14.12 -9.39 -23.57
C GLU B 1 13.72 -9.91 -22.17
N VAL B 2 14.04 -9.41 -20.97
CA VAL B 2 13.69 -10.02 -19.71
C VAL B 2 12.33 -10.05 -19.03
N GLN B 3 12.04 -11.24 -18.48
CA GLN B 3 10.82 -11.60 -17.78
C GLN B 3 11.20 -12.42 -16.55
N LEU B 4 10.72 -12.11 -15.37
CA LEU B 4 11.01 -12.79 -14.09
C LEU B 4 9.61 -13.04 -13.53
N GLU B 5 9.15 -14.28 -13.47
CA GLU B 5 7.82 -14.70 -13.11
C GLU B 5 7.99 -15.53 -11.85
N GLU B 6 7.45 -14.99 -10.74
CA GLU B 6 7.57 -15.77 -9.49
C GLU B 6 6.19 -16.33 -9.14
N SER B 7 6.23 -17.36 -8.29
CA SER B 7 4.90 -17.90 -7.95
C SER B 7 4.99 -18.97 -6.88
N GLY B 8 3.86 -19.50 -6.45
CA GLY B 8 3.87 -20.49 -5.39
C GLY B 8 3.33 -20.02 -4.04
N GLY B 9 2.71 -18.84 -4.08
CA GLY B 9 2.18 -18.25 -2.86
C GLY B 9 0.68 -18.55 -2.74
N GLY B 10 0.20 -18.34 -1.54
CA GLY B 10 -1.19 -18.53 -1.15
C GLY B 10 -1.50 -18.29 0.34
N LEU B 11 -2.36 -19.13 0.89
CA LEU B 11 -2.75 -18.94 2.29
C LEU B 11 -2.23 -20.12 3.06
N VAL B 12 -1.35 -19.87 4.01
CA VAL B 12 -0.77 -20.87 4.84
C VAL B 12 -1.13 -20.40 6.27
N THR B 13 -0.82 -21.12 7.30
CA THR B 13 -1.16 -20.77 8.66
C THR B 13 0.19 -20.80 9.38
N PRO B 14 0.31 -20.15 10.51
CA PRO B 14 1.57 -20.02 11.20
C PRO B 14 2.33 -21.30 11.31
N GLY B 15 3.60 -21.46 11.25
CA GLY B 15 4.26 -22.73 11.48
C GLY B 15 4.35 -23.64 10.25
N GLY B 16 3.81 -23.19 9.14
CA GLY B 16 3.72 -23.81 7.87
C GLY B 16 5.01 -23.83 7.11
N SER B 17 4.91 -24.01 5.79
CA SER B 17 6.15 -24.06 5.02
C SER B 17 5.75 -23.57 3.67
N LEU B 18 6.73 -23.46 2.78
CA LEU B 18 6.30 -22.92 1.47
C LEU B 18 7.56 -22.71 0.63
N ARG B 19 7.45 -23.15 -0.62
CA ARG B 19 8.58 -22.98 -1.48
C ARG B 19 8.05 -22.05 -2.56
N LEU B 20 8.84 -21.02 -2.77
CA LEU B 20 8.53 -19.99 -3.79
C LEU B 20 9.39 -20.29 -5.01
N SER B 21 8.96 -19.90 -6.19
CA SER B 21 9.67 -20.20 -7.40
C SER B 21 9.81 -18.98 -8.27
N CYS B 22 10.93 -18.82 -8.95
CA CYS B 22 11.01 -17.60 -9.81
C CYS B 22 11.74 -17.97 -11.09
N ALA B 23 11.15 -17.74 -12.22
CA ALA B 23 11.65 -18.16 -13.52
C ALA B 23 12.03 -17.10 -14.56
N ALA B 24 13.32 -17.24 -14.92
CA ALA B 24 13.98 -16.35 -15.83
C ALA B 24 13.66 -16.46 -17.30
N SER B 25 14.01 -15.38 -18.01
CA SER B 25 13.71 -15.34 -19.41
C SER B 25 14.40 -14.26 -20.25
N GLY B 26 14.92 -14.78 -21.37
CA GLY B 26 15.56 -14.01 -22.42
C GLY B 26 16.84 -13.51 -21.77
N TYR B 27 17.59 -14.29 -21.06
CA TYR B 27 18.79 -13.74 -20.47
C TYR B 27 19.51 -15.01 -20.05
N VAL B 28 20.83 -14.92 -19.81
CA VAL B 28 21.57 -16.14 -19.50
C VAL B 28 21.69 -16.28 -18.03
N PHE B 29 20.52 -16.61 -17.49
CA PHE B 29 20.19 -16.80 -16.11
C PHE B 29 21.30 -17.33 -15.27
N SER B 30 22.36 -17.93 -15.69
CA SER B 30 23.39 -18.48 -14.84
C SER B 30 24.33 -17.52 -14.17
N THR B 31 24.85 -16.70 -15.04
CA THR B 31 25.90 -15.71 -14.87
C THR B 31 25.60 -14.82 -13.67
N TYR B 32 24.44 -14.17 -13.66
CA TYR B 32 23.98 -13.27 -12.64
C TYR B 32 23.61 -13.75 -11.27
N ASP B 33 23.99 -12.98 -10.26
CA ASP B 33 23.86 -13.08 -8.81
C ASP B 33 22.44 -12.82 -8.41
N MET B 34 21.91 -13.24 -7.26
CA MET B 34 20.44 -12.99 -7.16
C MET B 34 19.70 -12.96 -5.86
N SER B 35 18.72 -12.04 -5.79
CA SER B 35 17.88 -11.93 -4.59
C SER B 35 16.36 -12.01 -4.54
N TRP B 36 15.92 -12.20 -3.28
CA TRP B 36 14.47 -12.12 -3.03
C TRP B 36 14.20 -10.87 -2.16
N VAL B 37 13.18 -10.14 -2.58
CA VAL B 37 12.76 -8.96 -1.83
C VAL B 37 11.27 -9.06 -1.57
N ARG B 38 10.96 -8.84 -0.29
CA ARG B 38 9.56 -8.79 0.10
C ARG B 38 9.14 -7.34 0.34
N GLN B 39 7.93 -7.04 -0.01
CA GLN B 39 7.09 -5.89 0.06
C GLN B 39 5.89 -6.15 0.95
N THR B 40 5.95 -5.65 2.19
CA THR B 40 5.02 -5.77 3.29
C THR B 40 3.84 -4.81 3.15
N PRO B 41 2.82 -5.15 3.95
CA PRO B 41 1.52 -4.47 3.97
C PRO B 41 1.52 -2.99 4.29
N GLU B 42 2.46 -2.62 5.13
CA GLU B 42 2.97 -1.39 5.61
C GLU B 42 3.65 -0.63 4.46
N LYS B 43 4.04 -1.40 3.45
CA LYS B 43 4.59 -1.06 2.18
C LYS B 43 6.10 -0.78 2.17
N ARG B 44 6.77 -1.25 3.22
CA ARG B 44 8.22 -1.14 3.26
C ARG B 44 8.71 -2.30 2.36
N LEU B 45 9.91 -2.39 1.87
CA LEU B 45 10.50 -3.41 1.03
C LEU B 45 11.53 -4.00 1.98
N GLU B 46 11.79 -5.24 2.10
CA GLU B 46 12.73 -5.89 2.92
C GLU B 46 13.15 -7.08 2.04
N TRP B 47 14.38 -7.34 2.20
CA TRP B 47 15.18 -8.30 1.51
C TRP B 47 15.23 -9.59 2.29
N VAL B 48 15.18 -10.72 1.54
CA VAL B 48 15.04 -11.94 2.36
C VAL B 48 16.20 -12.88 2.17
N ALA B 49 16.68 -13.03 0.94
CA ALA B 49 17.77 -14.00 0.69
C ALA B 49 18.66 -13.58 -0.44
N PHE B 50 19.92 -13.98 -0.34
CA PHE B 50 20.87 -13.62 -1.43
C PHE B 50 21.50 -14.92 -1.94
N ILE B 51 21.59 -15.04 -3.25
CA ILE B 51 22.25 -16.18 -3.87
C ILE B 51 23.35 -15.73 -4.85
N SER B 52 24.51 -16.39 -4.82
CA SER B 52 25.48 -16.05 -5.85
C SER B 52 25.29 -16.99 -7.05
N SER B 53 26.09 -16.60 -8.04
CA SER B 53 26.28 -17.09 -9.37
C SER B 53 26.33 -18.62 -9.50
N GLY B 54 27.21 -19.23 -8.69
CA GLY B 54 27.18 -20.68 -8.79
C GLY B 54 26.56 -21.16 -7.51
N GLY B 55 25.59 -20.42 -6.97
CA GLY B 55 24.98 -20.74 -5.68
C GLY B 55 26.07 -21.07 -4.67
N GLY B 56 27.19 -20.36 -4.68
CA GLY B 56 28.31 -20.56 -3.82
C GLY B 56 28.12 -19.88 -2.48
N ARG B 57 27.44 -18.73 -2.51
CA ARG B 57 27.23 -17.94 -1.31
C ARG B 57 25.79 -17.48 -1.04
N THR B 58 25.39 -17.62 0.25
CA THR B 58 24.07 -17.27 0.73
C THR B 58 24.10 -16.33 1.96
N SER B 59 23.30 -15.28 1.83
CA SER B 59 23.14 -14.21 2.80
C SER B 59 21.67 -14.00 3.10
N TYR B 60 21.43 -13.83 4.40
CA TYR B 60 20.08 -13.55 4.86
C TYR B 60 20.21 -12.59 6.06
N PRO B 61 19.10 -11.89 6.27
CA PRO B 61 18.92 -11.02 7.43
C PRO B 61 18.29 -11.81 8.57
N ASP B 62 18.69 -11.76 9.77
CA ASP B 62 18.45 -12.27 11.06
C ASP B 62 17.04 -12.59 11.60
N THR B 63 16.07 -12.19 10.81
CA THR B 63 14.67 -12.43 11.07
C THR B 63 14.15 -13.51 10.13
N VAL B 64 15.03 -13.97 9.28
CA VAL B 64 14.66 -15.02 8.32
C VAL B 64 15.75 -16.08 8.49
N LYS B 65 16.88 -15.52 8.94
CA LYS B 65 18.04 -16.35 9.23
C LYS B 65 17.47 -17.54 10.01
N GLY B 66 17.74 -18.71 9.41
CA GLY B 66 17.35 -20.01 9.83
C GLY B 66 15.93 -20.45 9.51
N ARG B 67 15.14 -19.73 8.74
CA ARG B 67 13.81 -20.23 8.48
C ARG B 67 13.60 -20.27 6.98
N PHE B 68 14.40 -19.49 6.26
CA PHE B 68 14.33 -19.34 4.80
C PHE B 68 15.58 -19.94 4.20
N THR B 69 15.53 -20.48 2.98
CA THR B 69 16.66 -21.13 2.30
C THR B 69 16.55 -20.69 0.86
N ILE B 70 17.68 -20.24 0.29
CA ILE B 70 17.67 -19.76 -1.10
C ILE B 70 18.35 -20.80 -2.01
N SER B 71 18.01 -20.85 -3.28
CA SER B 71 18.57 -21.78 -4.23
C SER B 71 17.99 -21.61 -5.65
N ARG B 72 18.79 -22.22 -6.54
CA ARG B 72 18.54 -22.15 -7.96
C ARG B 72 19.02 -23.40 -8.71
N ASP B 73 18.37 -23.73 -9.77
CA ASP B 73 18.43 -24.72 -10.75
C ASP B 73 18.64 -24.03 -12.10
N ASP B 74 19.94 -23.97 -12.43
CA ASP B 74 20.30 -23.26 -13.68
C ASP B 74 19.69 -23.96 -14.86
N ALA B 75 19.63 -25.28 -14.76
CA ALA B 75 19.02 -26.14 -15.77
C ALA B 75 17.60 -25.67 -16.06
N LYS B 76 16.77 -25.39 -15.04
CA LYS B 76 15.42 -24.92 -15.28
C LYS B 76 15.28 -23.40 -15.41
N ASN B 77 16.31 -22.60 -15.07
CA ASN B 77 16.21 -21.15 -15.13
C ASN B 77 15.33 -20.54 -14.02
N THR B 78 15.49 -21.09 -12.80
CA THR B 78 14.70 -20.62 -11.71
C THR B 78 15.30 -20.35 -10.34
N LEU B 79 14.68 -19.37 -9.69
CA LEU B 79 15.14 -19.14 -8.30
C LEU B 79 14.12 -19.74 -7.32
N TYR B 80 14.60 -20.47 -6.34
CA TYR B 80 13.78 -21.08 -5.33
C TYR B 80 13.96 -20.40 -3.96
N LEU B 81 12.86 -20.11 -3.23
CA LEU B 81 13.03 -19.61 -1.86
C LEU B 81 12.31 -20.62 -0.96
N GLN B 82 12.97 -21.20 0.01
CA GLN B 82 12.24 -22.19 0.83
C GLN B 82 12.01 -21.64 2.24
N MET B 83 10.77 -21.20 2.47
CA MET B 83 10.22 -20.63 3.66
C MET B 83 9.71 -21.80 4.49
N SER B 84 10.21 -21.80 5.72
CA SER B 84 9.85 -22.82 6.69
C SER B 84 9.40 -22.10 7.95
N SER B 85 8.96 -22.71 9.01
CA SER B 85 8.46 -22.20 10.27
C SER B 85 7.79 -20.84 10.15
N LEU B 86 6.73 -20.71 9.39
CA LEU B 86 6.07 -19.48 9.10
C LEU B 86 5.48 -18.79 10.33
N GLN B 87 5.43 -17.47 10.17
CA GLN B 87 4.97 -16.54 11.21
C GLN B 87 4.31 -15.36 10.55
N SER B 88 3.17 -14.90 11.02
CA SER B 88 2.40 -13.77 10.49
C SER B 88 3.20 -12.61 9.94
N GLU B 89 4.36 -12.24 10.47
CA GLU B 89 5.14 -11.12 9.96
C GLU B 89 5.50 -11.49 8.53
N ASP B 90 5.81 -12.72 8.12
CA ASP B 90 6.07 -13.00 6.72
C ASP B 90 4.91 -12.79 5.74
N THR B 91 3.73 -12.26 6.08
CA THR B 91 2.75 -12.10 5.04
C THR B 91 3.14 -11.00 4.10
N ALA B 92 3.58 -11.13 2.87
CA ALA B 92 3.89 -9.95 2.06
C ALA B 92 3.99 -10.35 0.59
N MET B 93 4.04 -9.45 -0.36
CA MET B 93 4.29 -9.80 -1.74
C MET B 93 5.74 -10.22 -1.87
N TYR B 94 6.08 -11.36 -2.44
CA TYR B 94 7.48 -11.80 -2.57
C TYR B 94 7.87 -11.73 -4.03
N TYR B 95 9.01 -11.02 -4.23
CA TYR B 95 9.59 -10.71 -5.52
C TYR B 95 11.01 -11.20 -5.64
N CYS B 96 11.30 -11.45 -6.89
CA CYS B 96 12.69 -11.85 -7.27
C CYS B 96 13.29 -10.74 -8.16
N THR B 97 14.59 -10.55 -7.90
CA THR B 97 15.43 -9.64 -8.64
C THR B 97 16.85 -10.14 -8.97
N ARG B 98 17.15 -9.88 -10.24
CA ARG B 98 18.47 -10.27 -10.78
C ARG B 98 19.46 -9.12 -10.53
N HIS B 99 20.65 -9.34 -10.01
CA HIS B 99 21.66 -8.32 -9.89
C HIS B 99 22.40 -8.08 -11.20
N PHE B 100 22.09 -7.15 -12.05
CA PHE B 100 22.79 -6.88 -13.28
C PHE B 100 24.10 -6.13 -13.06
N TYR B 101 25.07 -6.82 -12.53
CA TYR B 101 26.38 -6.22 -12.22
C TYR B 101 26.02 -5.10 -11.25
N ALA B 102 25.53 -5.63 -10.12
CA ALA B 102 25.08 -4.84 -8.99
C ALA B 102 23.94 -3.88 -9.35
N VAL B 103 23.24 -3.95 -10.45
CA VAL B 103 22.11 -3.13 -10.67
C VAL B 103 20.80 -3.94 -10.61
N LEU B 104 20.26 -4.25 -9.40
CA LEU B 104 18.93 -4.82 -9.30
C LEU B 104 18.11 -4.10 -10.39
N ASP B 105 17.87 -4.55 -11.59
CA ASP B 105 17.05 -3.85 -12.56
C ASP B 105 15.75 -4.57 -12.93
N TYR B 106 15.80 -5.88 -13.09
CA TYR B 106 14.60 -6.61 -13.57
C TYR B 106 14.03 -7.29 -12.36
N TRP B 107 12.76 -7.14 -12.09
CA TRP B 107 12.01 -7.69 -10.98
C TRP B 107 10.84 -8.53 -11.46
N GLY B 108 10.47 -9.54 -10.67
CA GLY B 108 9.21 -10.23 -10.98
C GLY B 108 7.95 -9.34 -10.83
N ARG B 109 6.82 -9.96 -11.12
CA ARG B 109 5.49 -9.39 -11.05
C ARG B 109 5.10 -9.51 -9.55
N GLY B 110 5.62 -10.55 -8.90
CA GLY B 110 5.48 -10.84 -7.49
C GLY B 110 4.52 -11.96 -7.22
N THR B 111 4.51 -12.57 -6.05
CA THR B 111 3.59 -13.62 -5.66
C THR B 111 3.05 -13.38 -4.27
N THR B 112 1.88 -12.90 -3.98
CA THR B 112 1.37 -12.69 -2.64
C THR B 112 1.34 -13.93 -1.75
N LEU B 113 1.74 -13.74 -0.49
CA LEU B 113 1.72 -14.68 0.57
C LEU B 113 1.04 -14.14 1.87
N THR B 114 0.04 -14.90 2.34
CA THR B 114 -0.65 -14.60 3.55
C THR B 114 -0.46 -15.75 4.53
N VAL B 115 -0.10 -15.44 5.75
CA VAL B 115 0.10 -16.41 6.78
C VAL B 115 -0.81 -15.98 7.94
N SER B 116 -2.08 -16.26 7.91
CA SER B 116 -3.03 -15.93 8.91
C SER B 116 -3.50 -17.24 9.52
N SER B 117 -4.28 -17.14 10.59
CA SER B 117 -4.74 -18.41 11.21
C SER B 117 -6.26 -18.37 11.27
N ALA B 118 -6.73 -17.33 10.60
CA ALA B 118 -8.10 -16.97 10.53
C ALA B 118 -8.88 -18.14 9.98
N LYS B 119 -10.02 -17.88 9.37
CA LYS B 119 -10.87 -18.91 8.88
C LYS B 119 -11.74 -18.15 7.90
N THR B 120 -12.19 -18.85 6.88
CA THR B 120 -13.07 -18.10 5.96
C THR B 120 -14.19 -17.60 6.85
N THR B 121 -14.43 -16.29 6.83
CA THR B 121 -15.52 -15.71 7.58
C THR B 121 -16.05 -14.56 6.76
N PRO B 122 -17.32 -14.62 6.46
CA PRO B 122 -17.99 -13.64 5.59
C PRO B 122 -18.05 -12.35 6.34
N PRO B 123 -18.39 -11.25 5.71
CA PRO B 123 -18.43 -9.99 6.44
C PRO B 123 -19.79 -9.69 7.03
N SER B 124 -19.76 -8.54 7.69
CA SER B 124 -21.06 -8.00 8.18
C SER B 124 -21.14 -6.71 7.37
N VAL B 125 -22.28 -6.36 6.82
CA VAL B 125 -22.50 -5.19 6.06
C VAL B 125 -23.51 -4.28 6.78
N TYR B 126 -22.99 -3.04 6.94
CA TYR B 126 -23.74 -1.96 7.59
C TYR B 126 -23.86 -0.76 6.67
N PRO B 127 -25.03 -0.15 6.79
CA PRO B 127 -25.33 1.03 5.99
C PRO B 127 -24.50 2.21 6.48
N LEU B 128 -24.12 3.10 5.57
CA LEU B 128 -23.40 4.31 5.91
C LEU B 128 -24.32 5.39 5.30
N ALA B 129 -25.19 5.84 6.17
CA ALA B 129 -26.26 6.79 5.91
C ALA B 129 -25.86 8.20 6.29
N PRO B 130 -26.22 9.20 5.52
CA PRO B 130 -25.89 10.59 5.76
C PRO B 130 -26.02 11.06 7.18
N GLY B 131 -27.16 10.88 7.84
CA GLY B 131 -27.23 11.41 9.22
C GLY B 131 -28.14 12.65 9.07
N SER B 132 -27.91 13.67 9.91
CA SER B 132 -28.77 14.86 9.83
C SER B 132 -28.92 15.36 8.41
N ALA B 133 -30.14 15.83 8.07
CA ALA B 133 -30.43 16.36 6.74
C ALA B 133 -29.57 17.42 6.12
N ALA B 134 -28.54 17.93 6.74
CA ALA B 134 -27.60 18.95 6.40
C ALA B 134 -27.14 19.08 4.96
N GLN B 135 -27.99 18.90 3.94
CA GLN B 135 -27.66 18.91 2.54
C GLN B 135 -26.62 19.92 2.06
N THR B 136 -25.43 19.38 1.71
CA THR B 136 -24.42 20.28 1.13
C THR B 136 -25.02 20.79 -0.18
N ASN B 137 -25.54 20.00 -1.09
CA ASN B 137 -26.14 20.56 -2.33
C ASN B 137 -26.31 19.46 -3.37
N SER B 138 -26.71 19.67 -4.61
CA SER B 138 -26.79 18.61 -5.61
C SER B 138 -26.37 17.21 -5.24
N MET B 139 -25.24 16.90 -4.66
CA MET B 139 -24.65 15.69 -4.24
C MET B 139 -24.89 15.22 -2.81
N VAL B 140 -25.00 13.92 -2.66
CA VAL B 140 -25.23 13.20 -1.41
C VAL B 140 -24.45 11.91 -1.62
N THR B 141 -23.63 11.63 -0.61
CA THR B 141 -22.76 10.47 -0.72
C THR B 141 -22.98 9.48 0.40
N LEU B 142 -23.42 8.28 -0.02
CA LEU B 142 -23.72 7.17 0.89
C LEU B 142 -22.61 6.13 0.82
N GLY B 143 -22.66 5.07 1.61
CA GLY B 143 -21.52 4.13 1.52
C GLY B 143 -21.93 2.87 2.25
N CYS B 144 -21.00 1.93 2.46
CA CYS B 144 -21.24 0.65 3.09
C CYS B 144 -19.99 0.21 3.86
N LEU B 145 -20.13 -0.33 5.04
CA LEU B 145 -19.13 -0.85 5.91
C LEU B 145 -19.27 -2.37 5.88
N VAL B 146 -18.37 -3.06 5.26
CA VAL B 146 -18.14 -4.45 5.03
C VAL B 146 -17.10 -4.75 6.10
N LYS B 147 -17.50 -5.43 7.14
CA LYS B 147 -16.71 -5.77 8.31
C LYS B 147 -16.57 -7.22 8.70
N GLY B 148 -15.43 -7.71 9.08
CA GLY B 148 -15.08 -9.00 9.55
C GLY B 148 -14.99 -10.11 8.52
N TYR B 149 -14.36 -9.80 7.38
CA TYR B 149 -14.18 -10.91 6.46
C TYR B 149 -12.71 -11.33 6.53
N PHE B 150 -12.47 -12.50 6.01
CA PHE B 150 -11.23 -13.23 5.81
C PHE B 150 -11.58 -14.38 4.86
N PRO B 151 -10.80 -14.54 3.82
CA PRO B 151 -9.64 -13.73 3.53
C PRO B 151 -10.08 -12.68 2.53
N GLU B 152 -9.18 -11.95 1.95
CA GLU B 152 -9.70 -10.97 0.93
C GLU B 152 -9.74 -11.75 -0.36
N PRO B 153 -10.30 -11.30 -1.46
CA PRO B 153 -10.96 -10.03 -1.58
C PRO B 153 -12.45 -9.96 -1.37
N VAL B 154 -13.21 -8.93 -1.60
CA VAL B 154 -14.63 -8.79 -1.53
C VAL B 154 -14.85 -7.81 -2.68
N THR B 155 -15.80 -8.11 -3.49
CA THR B 155 -16.09 -7.19 -4.59
C THR B 155 -17.15 -6.33 -4.02
N VAL B 156 -17.51 -5.15 -4.42
CA VAL B 156 -18.57 -4.41 -3.69
C VAL B 156 -19.18 -3.76 -4.89
N THR B 157 -20.47 -3.82 -5.08
CA THR B 157 -21.05 -3.27 -6.34
C THR B 157 -22.24 -2.46 -5.88
N TRP B 158 -22.67 -1.43 -6.54
CA TRP B 158 -23.73 -0.57 -6.11
C TRP B 158 -24.95 -0.69 -6.98
N ASN B 159 -26.12 -0.96 -6.37
CA ASN B 159 -27.29 -1.14 -7.23
C ASN B 159 -27.06 -2.13 -8.37
N SER B 160 -26.56 -3.32 -8.10
CA SER B 160 -26.30 -4.34 -9.11
C SER B 160 -25.78 -3.82 -10.44
N GLY B 161 -24.61 -3.21 -10.49
CA GLY B 161 -23.96 -2.64 -11.64
C GLY B 161 -24.41 -1.28 -12.11
N SER B 162 -25.71 -1.06 -12.06
CA SER B 162 -26.39 0.16 -12.47
C SER B 162 -25.75 1.44 -12.01
N LEU B 163 -25.05 1.49 -10.88
CA LEU B 163 -24.40 2.66 -10.32
C LEU B 163 -22.87 2.59 -10.46
N SER B 164 -22.30 3.16 -11.51
CA SER B 164 -20.79 3.11 -11.57
C SER B 164 -20.42 4.52 -11.16
N SER B 165 -21.29 5.44 -11.50
CA SER B 165 -21.34 6.84 -11.07
C SER B 165 -20.47 7.13 -9.84
N GLY B 166 -19.17 7.38 -10.12
CA GLY B 166 -18.24 7.67 -9.07
C GLY B 166 -18.19 6.86 -7.77
N VAL B 167 -17.91 5.56 -7.90
CA VAL B 167 -17.82 4.74 -6.69
C VAL B 167 -16.40 4.76 -6.22
N HIS B 168 -16.02 4.47 -4.99
CA HIS B 168 -14.68 4.54 -4.51
C HIS B 168 -14.59 3.41 -3.49
N THR B 169 -13.64 2.49 -3.55
CA THR B 169 -13.65 1.42 -2.54
C THR B 169 -12.27 1.46 -1.92
N PHE B 170 -12.01 1.20 -0.66
CA PHE B 170 -10.68 1.47 -0.17
C PHE B 170 -9.91 0.26 0.24
N PRO B 171 -8.57 0.38 0.20
CA PRO B 171 -7.72 -0.71 0.66
C PRO B 171 -8.35 -1.10 1.98
N ALA B 172 -8.50 -2.36 2.27
CA ALA B 172 -9.08 -2.91 3.44
C ALA B 172 -8.05 -2.64 4.55
N VAL B 173 -8.55 -2.77 5.76
CA VAL B 173 -7.70 -2.65 6.91
C VAL B 173 -7.81 -3.98 7.66
N LEU B 174 -6.82 -4.33 8.43
CA LEU B 174 -6.82 -5.55 9.19
C LEU B 174 -6.96 -5.22 10.65
N GLN B 175 -8.15 -5.26 11.14
CA GLN B 175 -8.46 -5.06 12.53
C GLN B 175 -8.51 -6.41 13.27
N SER B 176 -7.35 -6.65 13.90
CA SER B 176 -7.21 -7.83 14.76
C SER B 176 -7.89 -9.02 14.09
N ASP B 177 -7.11 -9.57 13.18
CA ASP B 177 -7.36 -10.72 12.37
C ASP B 177 -8.36 -10.72 11.26
N LEU B 178 -9.32 -9.84 11.18
CA LEU B 178 -10.28 -9.79 10.11
C LEU B 178 -10.09 -8.51 9.28
N TYR B 179 -10.50 -8.58 8.00
CA TYR B 179 -10.39 -7.40 7.18
C TYR B 179 -11.63 -6.53 7.17
N THR B 180 -11.50 -5.22 7.16
CA THR B 180 -12.68 -4.42 6.97
C THR B 180 -12.45 -3.50 5.77
N LEU B 181 -13.51 -2.99 5.18
CA LEU B 181 -13.42 -2.04 4.08
C LEU B 181 -14.69 -1.24 3.85
N SER B 182 -14.60 -0.22 3.02
CA SER B 182 -15.65 0.72 2.79
C SER B 182 -15.77 1.00 1.29
N SER B 183 -16.97 1.26 0.86
CA SER B 183 -17.14 1.64 -0.52
C SER B 183 -18.10 2.84 -0.44
N SER B 184 -17.98 3.83 -1.31
CA SER B 184 -18.93 4.90 -1.04
C SER B 184 -19.49 5.25 -2.40
N VAL B 185 -20.65 5.92 -2.42
CA VAL B 185 -21.21 6.31 -3.68
C VAL B 185 -21.89 7.67 -3.58
N THR B 186 -21.74 8.47 -4.65
CA THR B 186 -22.39 9.76 -4.62
C THR B 186 -23.47 9.72 -5.68
N VAL B 187 -24.70 9.89 -5.22
CA VAL B 187 -25.84 9.83 -6.13
C VAL B 187 -26.55 11.12 -5.84
N PRO B 188 -27.05 11.78 -6.87
CA PRO B 188 -27.68 13.08 -6.68
C PRO B 188 -28.82 13.03 -5.66
N SER B 189 -28.79 14.08 -4.82
CA SER B 189 -29.63 14.43 -3.70
C SER B 189 -31.12 14.24 -4.00
N SER B 190 -31.52 14.47 -5.26
CA SER B 190 -32.93 14.17 -5.56
C SER B 190 -32.88 12.91 -6.40
N THR B 191 -32.76 11.75 -5.75
CA THR B 191 -32.70 10.39 -6.25
C THR B 191 -32.71 9.49 -4.97
N TRP B 192 -32.37 10.17 -3.86
CA TRP B 192 -32.33 9.41 -2.63
C TRP B 192 -32.77 10.25 -1.44
N PRO B 193 -33.67 9.73 -0.61
CA PRO B 193 -34.21 8.39 -0.79
C PRO B 193 -35.43 8.13 -1.66
N SER B 194 -35.76 8.96 -2.65
CA SER B 194 -36.89 8.62 -3.49
C SER B 194 -36.60 7.34 -4.31
N GLU B 195 -35.42 7.26 -4.90
CA GLU B 195 -35.05 6.08 -5.68
C GLU B 195 -34.33 5.21 -4.67
N THR B 196 -33.83 4.03 -4.93
CA THR B 196 -33.18 3.05 -4.09
C THR B 196 -31.70 2.85 -4.31
N VAL B 197 -30.91 2.84 -3.27
CA VAL B 197 -29.49 2.64 -3.31
C VAL B 197 -29.18 1.47 -2.35
N THR B 198 -29.11 0.30 -2.96
CA THR B 198 -28.73 -0.92 -2.25
C THR B 198 -27.23 -1.05 -2.51
N CYS B 199 -26.49 -1.84 -1.81
CA CYS B 199 -25.08 -2.14 -1.95
C CYS B 199 -24.92 -3.67 -1.95
N ASN B 200 -24.29 -4.17 -3.01
CA ASN B 200 -24.04 -5.61 -3.20
C ASN B 200 -22.67 -5.90 -2.67
N VAL B 201 -22.44 -6.90 -1.89
CA VAL B 201 -21.14 -7.20 -1.29
C VAL B 201 -20.99 -8.70 -1.46
N ALA B 202 -20.05 -9.18 -2.26
CA ALA B 202 -19.94 -10.64 -2.49
C ALA B 202 -18.61 -11.07 -1.93
N HIS B 203 -18.55 -12.21 -1.28
CA HIS B 203 -17.40 -12.78 -0.60
C HIS B 203 -17.19 -14.19 -1.14
N PRO B 204 -16.36 -14.27 -2.18
CA PRO B 204 -16.07 -15.50 -2.91
C PRO B 204 -15.50 -16.63 -2.08
N ALA B 205 -14.64 -16.38 -1.11
CA ALA B 205 -14.18 -17.55 -0.34
C ALA B 205 -15.36 -18.34 0.23
N SER B 206 -16.27 -17.69 0.91
CA SER B 206 -17.45 -18.18 1.56
C SER B 206 -18.68 -18.21 0.66
N SER B 207 -18.45 -17.78 -0.58
CA SER B 207 -19.51 -17.67 -1.55
C SER B 207 -20.74 -17.14 -0.83
N THR B 208 -20.66 -15.86 -0.57
CA THR B 208 -21.57 -14.95 0.09
C THR B 208 -22.02 -13.80 -0.78
N LYS B 209 -23.06 -13.07 -0.40
CA LYS B 209 -23.53 -11.92 -1.19
C LYS B 209 -24.60 -11.36 -0.28
N VAL B 210 -24.51 -10.06 0.03
CA VAL B 210 -25.41 -9.51 1.05
C VAL B 210 -26.06 -8.33 0.40
N ASP B 211 -27.28 -7.93 0.76
CA ASP B 211 -27.84 -6.80 0.05
C ASP B 211 -28.36 -5.76 1.04
N LYS B 212 -27.46 -4.78 1.25
CA LYS B 212 -27.82 -3.68 2.15
C LYS B 212 -28.27 -2.49 1.34
N LYS B 213 -29.53 -2.20 1.48
CA LYS B 213 -30.32 -1.11 0.98
C LYS B 213 -30.07 0.04 1.98
N ILE B 214 -29.69 1.20 1.44
CA ILE B 214 -29.39 2.28 2.35
C ILE B 214 -30.57 3.23 2.47
N VAL B 215 -31.02 3.35 3.72
CA VAL B 215 -32.15 4.26 3.95
C VAL B 215 -31.67 5.21 5.03
N PRO B 216 -32.33 6.41 4.83
CA PRO B 216 -32.05 7.38 5.89
C PRO B 216 -32.61 6.83 7.22
#